data_5YW0
#
_entry.id   5YW0
#
_cell.length_a   45.716
_cell.length_b   59.274
_cell.length_c   116.180
_cell.angle_alpha   90.000
_cell.angle_beta   90.000
_cell.angle_gamma   90.000
#
_symmetry.space_group_name_H-M   'P 21 21 21'
#
loop_
_entity.id
_entity.type
_entity.pdbx_description
1 polymer 'Uncharacterized protein KdoO'
2 non-polymer 'TETRAETHYLENE GLYCOL'
3 non-polymer 'FE (III) ION'
4 non-polymer GLYCEROL
5 non-polymer 'SUCCINIC ACID'
6 non-polymer 'ACETATE ION'
7 water water
#
_entity_poly.entity_id   1
_entity_poly.type   'polypeptide(L)'
_entity_poly.pdbx_seq_one_letter_code
;MFPMDTKTNEQPIIQFDAESWEAEFTQEIQDKAIEGLESGSVLFFPKLNFPLLTEELKFLDPTWVSGAKNISYDPRSATL
KGVEGKSEDLRLLSGLLKRYAEKTAAFLHLLFPFYGSSLKIARTSFRPVEISGRATSARKDDTRLHVDAFPSSPTGGERI
LRVFSNINPQGKPRSWRIGEPFQNYLNHLLPQLSPPAPGKRFLLYLFGITKGYRSLYDHYMLELHDKGKLDLEYQKNSPQ
VAFDFPAGSTWIVFTDQVLHAVDKGQFLLEQTFHLKVNALKHPEKSPLKLLETALNKKLVSSESFKLAAALEHHHHHH
;
_entity_poly.pdbx_strand_id   A
#
loop_
_chem_comp.id
_chem_comp.type
_chem_comp.name
_chem_comp.formula
ACT non-polymer 'ACETATE ION' 'C2 H3 O2 -1'
FE non-polymer 'FE (III) ION' 'Fe 3'
GOL non-polymer GLYCEROL 'C3 H8 O3'
PG4 non-polymer 'TETRAETHYLENE GLYCOL' 'C8 H18 O5'
SIN non-polymer 'SUCCINIC ACID' 'C4 H6 O4'
#
# COMPACT_ATOMS: atom_id res chain seq x y z
N GLN A 11 -5.50 -17.03 6.89
CA GLN A 11 -6.06 -16.94 5.57
C GLN A 11 -5.43 -15.73 4.93
N PRO A 12 -4.25 -15.96 4.28
CA PRO A 12 -3.60 -14.79 3.69
C PRO A 12 -4.37 -14.07 2.56
N ILE A 13 -5.21 -14.79 1.84
CA ILE A 13 -5.96 -14.24 0.75
C ILE A 13 -7.41 -14.62 0.86
N ILE A 14 -8.27 -13.63 0.89
CA ILE A 14 -9.69 -13.87 0.95
C ILE A 14 -10.31 -13.47 -0.40
N GLN A 15 -10.95 -14.40 -1.06
CA GLN A 15 -11.54 -14.16 -2.35
C GLN A 15 -13.00 -13.67 -2.28
N PHE A 16 -13.30 -12.69 -3.13
CA PHE A 16 -14.60 -12.09 -3.24
C PHE A 16 -15.16 -12.20 -4.66
N ASP A 17 -16.49 -12.17 -4.78
CA ASP A 17 -17.15 -12.28 -6.05
C ASP A 17 -17.45 -10.99 -6.81
N ALA A 18 -17.40 -9.86 -6.15
CA ALA A 18 -17.72 -8.60 -6.78
C ALA A 18 -17.01 -8.35 -8.10
N GLU A 19 -17.75 -7.94 -9.10
CA GLU A 19 -17.23 -7.73 -10.42
C GLU A 19 -17.38 -6.30 -10.92
N SER A 20 -18.00 -5.46 -10.12
CA SER A 20 -18.24 -4.12 -10.51
C SER A 20 -17.74 -3.09 -9.50
N TRP A 21 -17.24 -1.97 -9.98
CA TRP A 21 -16.80 -0.91 -9.10
C TRP A 21 -17.96 -0.25 -8.38
N GLU A 22 -19.17 -0.46 -8.85
CA GLU A 22 -20.40 0.02 -8.21
C GLU A 22 -21.16 -1.13 -7.55
N ALA A 23 -20.45 -2.21 -7.21
CA ALA A 23 -21.09 -3.36 -6.60
C ALA A 23 -21.77 -2.96 -5.29
N GLU A 24 -22.99 -3.44 -5.09
CA GLU A 24 -23.65 -3.32 -3.80
C GLU A 24 -23.27 -4.53 -2.96
N PHE A 25 -22.97 -4.30 -1.69
CA PHE A 25 -22.50 -5.34 -0.80
C PHE A 25 -23.50 -5.61 0.30
N THR A 26 -23.74 -6.88 0.59
CA THR A 26 -24.48 -7.23 1.79
C THR A 26 -23.62 -6.96 3.02
N GLN A 27 -24.29 -6.85 4.18
CA GLN A 27 -23.55 -6.66 5.42
C GLN A 27 -22.63 -7.85 5.72
N GLU A 28 -23.03 -9.04 5.36
CA GLU A 28 -22.20 -10.18 5.58
C GLU A 28 -20.85 -10.07 4.84
N ILE A 29 -20.88 -9.59 3.60
CA ILE A 29 -19.66 -9.44 2.85
C ILE A 29 -18.84 -8.25 3.39
N GLN A 30 -19.50 -7.20 3.79
CA GLN A 30 -18.83 -6.08 4.37
C GLN A 30 -18.11 -6.51 5.64
N ASP A 31 -18.79 -7.29 6.47
CA ASP A 31 -18.13 -7.85 7.70
CA ASP A 31 -18.15 -7.89 7.71
C ASP A 31 -16.78 -8.77 7.45
N LYS A 32 -16.98 -9.62 6.45
CA LYS A 32 -15.91 -10.46 5.99
C LYS A 32 -14.72 -9.61 5.53
N ALA A 33 -15.02 -8.57 4.80
CA ALA A 33 -13.99 -7.70 4.30
C ALA A 33 -13.23 -6.92 5.38
N ILE A 34 -13.95 -6.27 6.28
CA ILE A 34 -13.28 -5.50 7.31
C ILE A 34 -12.52 -6.39 8.29
N GLU A 35 -13.11 -7.51 8.66
CA GLU A 35 -12.42 -8.43 9.55
C GLU A 35 -11.14 -8.96 8.91
N GLY A 36 -11.24 -9.28 7.64
CA GLY A 36 -10.10 -9.79 6.91
C GLY A 36 -9.03 -8.76 6.70
N LEU A 37 -9.44 -7.59 6.28
CA LEU A 37 -8.50 -6.52 6.06
C LEU A 37 -7.72 -6.20 7.34
N GLU A 38 -8.43 -6.00 8.43
CA GLU A 38 -7.82 -5.69 9.71
C GLU A 38 -6.98 -6.80 10.30
N SER A 39 -7.29 -8.04 9.95
CA SER A 39 -6.48 -9.18 10.37
C SER A 39 -5.25 -9.38 9.51
N GLY A 40 -5.03 -8.53 8.50
CA GLY A 40 -3.85 -8.65 7.67
C GLY A 40 -3.99 -9.62 6.51
N SER A 41 -5.20 -9.81 6.01
CA SER A 41 -5.40 -10.57 4.77
C SER A 41 -5.42 -9.62 3.59
N VAL A 42 -5.10 -10.18 2.43
CA VAL A 42 -5.32 -9.51 1.15
C VAL A 42 -6.74 -9.83 0.69
N LEU A 43 -7.52 -8.81 0.36
CA LEU A 43 -8.84 -9.02 -0.20
C LEU A 43 -8.71 -9.05 -1.71
N PHE A 44 -9.15 -10.13 -2.32
CA PHE A 44 -8.87 -10.42 -3.72
C PHE A 44 -10.16 -10.49 -4.52
N PHE A 45 -10.22 -9.72 -5.60
CA PHE A 45 -11.38 -9.62 -6.48
C PHE A 45 -10.96 -10.05 -7.88
N PRO A 46 -10.99 -11.36 -8.18
CA PRO A 46 -10.49 -11.84 -9.47
C PRO A 46 -11.23 -11.30 -10.67
N LYS A 47 -12.46 -10.91 -10.50
CA LYS A 47 -13.27 -10.44 -11.61
C LYS A 47 -13.50 -8.96 -11.70
N LEU A 48 -12.81 -8.20 -10.87
CA LEU A 48 -12.93 -6.78 -10.87
C LEU A 48 -11.85 -6.13 -11.71
N ASN A 49 -12.18 -5.94 -12.97
CA ASN A 49 -11.30 -5.38 -13.94
C ASN A 49 -11.45 -3.88 -13.99
N PHE A 50 -10.38 -3.21 -14.34
CA PHE A 50 -10.37 -1.78 -14.52
C PHE A 50 -10.07 -1.51 -15.99
N PRO A 51 -11.19 -1.28 -16.75
CA PRO A 51 -10.94 -1.06 -18.17
C PRO A 51 -10.37 0.30 -18.56
N LEU A 52 -9.64 0.28 -19.65
CA LEU A 52 -9.05 1.46 -20.21
C LEU A 52 -9.82 1.87 -21.45
N LEU A 53 -9.84 3.15 -21.70
CA LEU A 53 -10.43 3.70 -22.91
C LEU A 53 -9.48 3.42 -24.06
N THR A 54 -10.00 3.35 -25.27
CA THR A 54 -9.16 3.13 -26.43
C THR A 54 -8.05 4.16 -26.47
N GLU A 55 -8.42 5.38 -26.19
CA GLU A 55 -7.48 6.46 -26.18
C GLU A 55 -6.42 6.41 -25.10
N GLU A 56 -6.51 5.50 -24.15
CA GLU A 56 -5.55 5.38 -23.10
C GLU A 56 -4.60 4.21 -23.31
N LEU A 57 -4.92 3.39 -24.29
CA LEU A 57 -4.11 2.22 -24.57
C LEU A 57 -2.64 2.54 -24.85
N LYS A 58 -2.40 3.71 -25.39
CA LYS A 58 -1.04 4.15 -25.69
C LYS A 58 -0.16 4.25 -24.48
N PHE A 59 -0.77 4.42 -23.33
CA PHE A 59 -0.01 4.54 -22.11
C PHE A 59 0.50 3.21 -21.60
N LEU A 60 0.09 2.10 -22.20
CA LEU A 60 0.59 0.82 -21.80
C LEU A 60 1.94 0.69 -22.46
N ASP A 61 2.85 1.54 -21.99
CA ASP A 61 4.17 1.68 -22.54
C ASP A 61 5.07 2.32 -21.49
N PRO A 62 6.15 1.53 -21.14
CA PRO A 62 6.99 2.07 -20.07
C PRO A 62 7.78 3.33 -20.37
N THR A 63 7.86 3.75 -21.60
CA THR A 63 8.62 4.93 -21.91
C THR A 63 7.98 6.20 -21.45
N TRP A 64 6.77 6.12 -20.93
CA TRP A 64 6.13 7.32 -20.42
C TRP A 64 6.81 7.78 -19.13
N VAL A 65 7.47 6.88 -18.42
CA VAL A 65 8.14 7.24 -17.19
C VAL A 65 9.42 8.05 -17.48
N SER A 66 9.48 9.27 -16.97
CA SER A 66 10.64 10.10 -17.28
C SER A 66 11.81 10.18 -16.35
N GLY A 67 11.59 9.95 -15.06
CA GLY A 67 12.67 10.00 -14.11
C GLY A 67 12.89 8.62 -13.56
N ASN A 70 6.03 4.78 -12.54
CA ASN A 70 6.45 5.63 -11.44
C ASN A 70 5.84 7.02 -11.65
N ILE A 71 4.74 7.00 -12.33
CA ILE A 71 3.97 8.13 -12.62
C ILE A 71 3.00 8.26 -11.46
N SER A 72 2.79 9.44 -10.94
CA SER A 72 1.87 9.63 -9.84
C SER A 72 0.88 10.74 -10.07
N TYR A 73 -0.25 10.66 -9.41
CA TYR A 73 -1.28 11.64 -9.51
C TYR A 73 -1.83 11.91 -8.12
N ASP A 74 -2.07 13.16 -7.81
CA ASP A 74 -2.64 13.54 -6.55
C ASP A 74 -4.03 14.01 -6.79
N PRO A 75 -5.01 13.12 -6.41
CA PRO A 75 -6.38 13.55 -6.69
C PRO A 75 -6.81 14.77 -5.92
N ARG A 76 -6.23 15.03 -4.77
CA ARG A 76 -6.61 16.17 -3.96
C ARG A 76 -6.29 17.47 -4.69
N SER A 77 -5.14 17.55 -5.32
CA SER A 77 -4.69 18.72 -6.07
C SER A 77 -4.78 18.61 -7.58
N ALA A 78 -5.25 17.49 -8.08
CA ALA A 78 -5.38 17.23 -9.50
C ALA A 78 -4.09 17.45 -10.23
N THR A 79 -3.02 16.97 -9.67
CA THR A 79 -1.70 17.11 -10.22
C THR A 79 -1.02 15.84 -10.59
N LEU A 80 -0.50 15.80 -11.78
CA LEU A 80 0.23 14.68 -12.29
C LEU A 80 1.75 14.84 -12.30
N LYS A 81 2.51 13.86 -11.85
CA LYS A 81 3.98 13.92 -11.86
C LYS A 81 4.70 12.70 -12.39
N GLY A 82 5.99 12.85 -12.74
CA GLY A 82 6.81 11.77 -13.22
C GLY A 82 6.72 11.40 -14.68
N VAL A 83 6.14 12.29 -15.45
CA VAL A 83 5.95 12.08 -16.84
C VAL A 83 5.99 13.42 -17.55
N GLU A 84 6.56 13.41 -18.76
CA GLU A 84 6.67 14.59 -19.59
C GLU A 84 5.97 14.32 -20.90
N GLY A 85 5.45 15.34 -21.55
CA GLY A 85 4.82 15.16 -22.84
C GLY A 85 3.93 16.30 -23.22
N LYS A 86 3.21 16.14 -24.29
CA LYS A 86 2.31 17.16 -24.74
C LYS A 86 1.17 17.32 -23.76
N SER A 87 0.60 18.49 -23.73
CA SER A 87 -0.51 18.77 -22.85
C SER A 87 -1.67 17.82 -23.02
N GLU A 88 -2.03 17.51 -24.23
CA GLU A 88 -3.17 16.62 -24.46
C GLU A 88 -2.88 15.21 -23.94
N ASP A 89 -1.66 14.76 -24.06
CA ASP A 89 -1.32 13.46 -23.56
C ASP A 89 -1.34 13.45 -22.03
N LEU A 90 -0.86 14.50 -21.41
CA LEU A 90 -0.85 14.58 -19.96
C LEU A 90 -2.26 14.69 -19.46
N ARG A 91 -3.13 15.28 -20.27
CA ARG A 91 -4.50 15.43 -19.90
C ARG A 91 -5.17 14.06 -19.85
N LEU A 92 -4.88 13.24 -20.85
CA LEU A 92 -5.43 11.92 -20.94
C LEU A 92 -4.93 11.05 -19.83
N LEU A 93 -3.65 11.11 -19.56
CA LEU A 93 -3.05 10.32 -18.52
C LEU A 93 -3.59 10.71 -17.17
N SER A 94 -3.75 12.00 -16.93
CA SER A 94 -4.34 12.44 -15.70
C SER A 94 -5.76 11.92 -15.59
N GLY A 95 -6.48 11.88 -16.70
CA GLY A 95 -7.83 11.41 -16.68
C GLY A 95 -7.90 9.95 -16.29
N LEU A 96 -6.95 9.17 -16.78
CA LEU A 96 -6.89 7.75 -16.43
C LEU A 96 -6.70 7.57 -14.94
N LEU A 97 -5.73 8.24 -14.38
CA LEU A 97 -5.45 8.12 -12.96
C LEU A 97 -6.56 8.68 -12.08
N LYS A 98 -7.18 9.73 -12.55
CA LYS A 98 -8.29 10.32 -11.86
C LYS A 98 -9.46 9.37 -11.79
N ARG A 99 -9.70 8.67 -12.87
CA ARG A 99 -10.76 7.72 -12.90
C ARG A 99 -10.47 6.57 -11.95
N TYR A 100 -9.21 6.17 -11.86
CA TYR A 100 -8.85 5.10 -10.93
C TYR A 100 -9.11 5.58 -9.48
N ALA A 101 -8.73 6.80 -9.18
CA ALA A 101 -8.98 7.38 -7.86
C ALA A 101 -10.47 7.39 -7.51
N GLU A 102 -11.28 7.81 -8.47
CA GLU A 102 -12.72 7.85 -8.28
C GLU A 102 -13.36 6.51 -8.07
N LYS A 103 -12.99 5.57 -8.91
CA LYS A 103 -13.58 4.27 -8.82
C LYS A 103 -13.16 3.49 -7.56
N THR A 104 -11.89 3.60 -7.22
CA THR A 104 -11.42 2.92 -6.03
C THR A 104 -12.06 3.56 -4.78
N ALA A 105 -12.15 4.87 -4.77
CA ALA A 105 -12.75 5.55 -3.65
C ALA A 105 -14.22 5.18 -3.50
N ALA A 106 -14.95 5.19 -4.59
CA ALA A 106 -16.36 4.78 -4.53
C ALA A 106 -16.46 3.35 -4.01
N PHE A 107 -15.66 2.45 -4.57
CA PHE A 107 -15.69 1.05 -4.15
C PHE A 107 -15.40 0.89 -2.66
N LEU A 108 -14.38 1.58 -2.15
CA LEU A 108 -14.08 1.46 -0.72
C LEU A 108 -15.22 1.97 0.14
N HIS A 109 -15.91 3.02 -0.31
CA HIS A 109 -17.02 3.53 0.49
C HIS A 109 -18.21 2.58 0.45
N LEU A 110 -18.37 1.84 -0.64
CA LEU A 110 -19.42 0.83 -0.69
C LEU A 110 -19.07 -0.37 0.18
N LEU A 111 -17.80 -0.72 0.25
CA LEU A 111 -17.39 -1.93 0.93
C LEU A 111 -17.13 -1.72 2.42
N PHE A 112 -16.70 -0.52 2.82
CA PHE A 112 -16.28 -0.25 4.20
C PHE A 112 -17.04 0.94 4.80
N PRO A 113 -18.37 0.84 4.91
CA PRO A 113 -19.12 1.94 5.53
C PRO A 113 -18.70 2.20 6.98
N PHE A 114 -18.11 1.22 7.67
CA PHE A 114 -17.67 1.45 9.04
C PHE A 114 -16.64 2.57 9.11
N TYR A 115 -15.80 2.68 8.08
CA TYR A 115 -14.80 3.74 8.09
C TYR A 115 -15.40 5.10 7.78
N GLY A 116 -16.65 5.15 7.32
CA GLY A 116 -17.30 6.42 7.07
C GLY A 116 -16.45 7.34 6.23
N SER A 117 -16.31 8.59 6.68
CA SER A 117 -15.52 9.57 5.97
C SER A 117 -14.08 9.62 6.45
N SER A 118 -13.63 8.60 7.19
CA SER A 118 -12.27 8.62 7.67
C SER A 118 -11.26 8.17 6.62
N LEU A 119 -11.71 7.56 5.52
CA LEU A 119 -10.82 7.24 4.41
C LEU A 119 -10.39 8.53 3.73
N LYS A 120 -9.07 8.77 3.68
CA LYS A 120 -8.52 9.99 3.10
C LYS A 120 -7.67 9.58 1.91
N ILE A 121 -8.09 9.96 0.71
CA ILE A 121 -7.34 9.50 -0.46
C ILE A 121 -5.97 10.17 -0.50
N ALA A 122 -4.98 9.42 -0.99
CA ALA A 122 -3.64 9.95 -1.19
C ALA A 122 -3.25 9.70 -2.64
N ARG A 123 -2.00 9.38 -2.93
CA ARG A 123 -1.56 9.40 -4.32
C ARG A 123 -1.96 8.16 -5.11
N THR A 124 -2.23 8.37 -6.39
CA THR A 124 -2.50 7.33 -7.37
C THR A 124 -1.20 7.09 -8.10
N SER A 125 -0.94 5.85 -8.46
CA SER A 125 0.25 5.50 -9.17
C SER A 125 -0.02 4.56 -10.34
N PHE A 126 0.72 4.77 -11.42
CA PHE A 126 0.68 3.93 -12.63
C PHE A 126 2.09 3.38 -12.83
N ARG A 127 2.21 2.06 -12.86
CA ARG A 127 3.48 1.37 -12.94
C ARG A 127 3.56 0.54 -14.20
N PRO A 128 4.18 1.20 -15.22
CA PRO A 128 4.27 0.48 -16.49
C PRO A 128 5.58 -0.25 -16.75
N VAL A 129 6.49 -0.27 -15.81
CA VAL A 129 7.73 -0.98 -15.99
C VAL A 129 7.65 -2.42 -15.53
N GLU A 130 8.20 -3.34 -16.32
CA GLU A 130 8.20 -4.75 -15.97
C GLU A 130 9.05 -4.98 -14.76
N ILE A 131 8.51 -5.71 -13.80
CA ILE A 131 9.16 -5.98 -12.54
C ILE A 131 10.33 -6.89 -12.61
N SER A 132 10.25 -7.97 -13.37
CA SER A 132 11.33 -8.94 -13.36
C SER A 132 12.68 -8.37 -13.75
N GLY A 133 12.65 -7.31 -14.54
CA GLY A 133 13.90 -6.71 -14.94
C GLY A 133 14.44 -5.73 -13.93
N ARG A 134 13.88 -5.66 -12.72
CA ARG A 134 14.37 -4.71 -11.71
C ARG A 134 15.68 -5.08 -10.97
N SER A 137 18.84 -0.69 -4.60
CA SER A 137 19.42 -0.97 -3.30
C SER A 137 18.60 -2.04 -2.65
N ALA A 138 19.16 -2.75 -1.71
CA ALA A 138 18.42 -3.76 -1.02
C ALA A 138 17.18 -3.18 -0.31
N ARG A 139 17.29 -1.95 0.19
CA ARG A 139 16.16 -1.35 0.88
C ARG A 139 15.02 -1.04 -0.04
N LYS A 140 15.33 -0.80 -1.30
CA LYS A 140 14.31 -0.49 -2.25
C LYS A 140 13.88 -1.67 -3.06
N ASP A 141 14.57 -2.78 -2.93
CA ASP A 141 14.25 -3.96 -3.69
C ASP A 141 12.91 -4.50 -3.23
N ASP A 142 11.89 -4.31 -4.05
CA ASP A 142 10.59 -4.79 -3.67
C ASP A 142 10.31 -6.25 -3.94
N THR A 143 11.34 -7.00 -4.31
CA THR A 143 11.29 -8.45 -4.39
C THR A 143 11.58 -8.98 -2.99
N ARG A 144 11.83 -8.09 -2.04
CA ARG A 144 12.08 -8.50 -0.69
C ARG A 144 10.84 -8.21 0.13
N LEU A 145 10.47 -9.16 0.96
CA LEU A 145 9.33 -9.02 1.79
C LEU A 145 9.48 -7.81 2.69
N HIS A 146 8.42 -7.03 2.79
CA HIS A 146 8.47 -5.82 3.61
C HIS A 146 7.05 -5.39 3.91
N VAL A 147 6.94 -4.44 4.82
CA VAL A 147 5.77 -3.68 5.05
C VAL A 147 6.18 -2.26 4.52
N ASP A 148 5.20 -1.50 4.10
CA ASP A 148 5.47 -0.18 3.54
C ASP A 148 5.84 0.86 4.60
N ALA A 149 6.93 1.53 4.34
CA ALA A 149 7.46 2.59 5.17
C ALA A 149 8.34 3.40 4.25
N PHE A 150 8.05 4.67 4.10
CA PHE A 150 8.76 5.55 3.21
C PHE A 150 9.55 6.60 3.95
N PRO A 151 10.91 6.52 3.72
CA PRO A 151 11.72 7.47 4.50
C PRO A 151 11.40 8.96 4.40
N SER A 152 10.96 9.41 3.24
CA SER A 152 10.64 10.79 3.10
C SER A 152 9.24 11.16 3.47
N SER A 153 8.40 10.16 3.78
CA SER A 153 6.96 10.42 3.96
C SER A 153 6.45 9.72 5.20
N PRO A 154 6.75 10.22 6.40
CA PRO A 154 6.18 9.62 7.61
C PRO A 154 4.66 9.71 7.64
N THR A 155 4.06 8.70 8.28
CA THR A 155 2.61 8.60 8.41
C THR A 155 2.06 9.15 9.72
N GLY A 156 2.90 9.34 10.73
CA GLY A 156 2.37 9.72 12.02
C GLY A 156 1.41 8.70 12.59
N GLY A 157 1.57 7.43 12.22
CA GLY A 157 0.74 6.36 12.74
C GLY A 157 -0.42 5.99 11.87
N GLU A 158 -0.77 6.82 10.92
CA GLU A 158 -1.89 6.53 10.07
C GLU A 158 -1.64 5.31 9.17
N ARG A 159 -2.71 4.63 8.83
CA ARG A 159 -2.62 3.48 8.02
C ARG A 159 -2.37 3.75 6.54
N ILE A 160 -1.67 2.83 5.92
CA ILE A 160 -1.42 2.86 4.51
C ILE A 160 -2.28 1.74 3.92
N LEU A 161 -3.36 2.12 3.25
CA LEU A 161 -4.29 1.17 2.63
C LEU A 161 -4.18 1.33 1.10
N ARG A 162 -3.93 0.27 0.39
CA ARG A 162 -3.80 0.34 -1.03
C ARG A 162 -4.74 -0.59 -1.81
N VAL A 163 -5.19 -0.07 -2.93
CA VAL A 163 -6.00 -0.80 -3.87
C VAL A 163 -5.15 -0.95 -5.12
N PHE A 164 -5.08 -2.17 -5.63
CA PHE A 164 -4.28 -2.49 -6.78
C PHE A 164 -5.09 -3.13 -7.89
N SER A 165 -4.77 -2.85 -9.14
CA SER A 165 -5.41 -3.48 -10.29
C SER A 165 -4.40 -3.85 -11.36
N ASN A 166 -4.41 -5.10 -11.76
CA ASN A 166 -3.56 -5.57 -12.81
C ASN A 166 -4.26 -5.30 -14.15
N ILE A 167 -3.69 -4.40 -14.93
CA ILE A 167 -4.25 -4.02 -16.20
C ILE A 167 -3.41 -4.49 -17.41
N ASN A 168 -2.65 -5.54 -17.21
CA ASN A 168 -1.85 -6.14 -18.27
C ASN A 168 -2.73 -6.59 -19.44
N PRO A 169 -2.38 -5.99 -20.64
CA PRO A 169 -3.23 -6.30 -21.78
C PRO A 169 -2.89 -7.59 -22.52
N GLN A 170 -1.80 -8.20 -22.15
CA GLN A 170 -1.43 -9.57 -22.66
CA GLN A 170 -1.45 -9.57 -22.67
C GLN A 170 -1.78 -10.85 -21.76
N GLY A 171 -2.60 -10.59 -20.77
CA GLY A 171 -2.99 -11.60 -19.85
C GLY A 171 -1.99 -12.05 -18.81
N LYS A 172 -0.95 -11.28 -18.60
CA LYS A 172 0.06 -11.63 -17.68
C LYS A 172 -0.31 -11.30 -16.25
N PRO A 173 -0.02 -12.31 -15.39
CA PRO A 173 -0.33 -12.05 -13.99
C PRO A 173 0.71 -11.18 -13.31
N ARG A 174 0.39 -10.75 -12.10
CA ARG A 174 1.31 -10.00 -11.28
C ARG A 174 1.65 -10.90 -10.10
N SER A 175 2.90 -11.32 -10.03
CA SER A 175 3.33 -12.27 -9.04
C SER A 175 3.81 -11.67 -7.72
N TRP A 176 3.13 -11.98 -6.65
CA TRP A 176 3.46 -11.50 -5.35
C TRP A 176 3.79 -12.66 -4.44
N ARG A 177 4.41 -12.32 -3.33
CA ARG A 177 4.61 -13.23 -2.24
C ARG A 177 4.01 -12.50 -1.04
N ILE A 178 3.31 -13.24 -0.20
CA ILE A 178 2.66 -12.73 0.99
C ILE A 178 3.27 -13.45 2.17
N GLY A 179 3.78 -12.68 3.13
CA GLY A 179 4.46 -13.22 4.28
C GLY A 179 3.64 -13.49 5.50
N GLU A 180 4.34 -13.67 6.61
CA GLU A 180 3.73 -13.97 7.89
C GLU A 180 3.09 -12.75 8.53
N PRO A 181 2.26 -13.05 9.58
CA PRO A 181 1.60 -11.90 10.22
C PRO A 181 2.56 -10.85 10.77
N PHE A 182 2.11 -9.62 10.81
CA PHE A 182 2.90 -8.53 11.30
C PHE A 182 3.51 -8.78 12.68
N GLN A 183 2.72 -9.31 13.59
CA GLN A 183 3.20 -9.54 14.93
C GLN A 183 4.38 -10.48 14.93
N ASN A 184 4.39 -11.45 14.05
CA ASN A 184 5.47 -12.39 13.96
C ASN A 184 6.72 -11.77 13.36
N TYR A 185 6.54 -10.89 12.40
CA TYR A 185 7.61 -10.17 11.74
C TYR A 185 8.28 -9.24 12.73
N LEU A 186 7.47 -8.51 13.46
CA LEU A 186 7.93 -7.60 14.47
C LEU A 186 8.74 -8.39 15.51
N ASN A 187 8.18 -9.50 15.96
CA ASN A 187 8.88 -10.32 16.93
C ASN A 187 10.20 -10.82 16.40
N HIS A 188 10.23 -11.30 15.17
CA HIS A 188 11.46 -11.77 14.59
C HIS A 188 12.55 -10.70 14.57
N LEU A 189 12.19 -9.48 14.23
CA LEU A 189 13.11 -8.39 14.11
C LEU A 189 13.37 -7.56 15.35
N LEU A 190 12.58 -7.72 16.38
CA LEU A 190 12.74 -6.94 17.58
C LEU A 190 14.18 -6.82 18.10
N PRO A 191 14.90 -8.00 18.11
CA PRO A 191 16.25 -7.91 18.64
C PRO A 191 17.15 -7.05 17.84
N GLN A 192 16.76 -6.70 16.62
CA GLN A 192 17.55 -5.87 15.77
C GLN A 192 17.17 -4.39 15.80
N LEU A 193 16.10 -4.05 16.44
CA LEU A 193 15.61 -2.68 16.52
C LEU A 193 16.41 -1.84 17.49
N SER A 194 16.54 -0.56 17.19
CA SER A 194 17.32 0.35 18.00
C SER A 194 16.67 1.72 17.97
N PRO A 195 16.79 2.51 19.03
CA PRO A 195 16.20 3.85 19.01
C PRO A 195 16.94 4.77 18.05
N PRO A 196 16.31 5.87 17.62
CA PRO A 196 17.01 6.81 16.74
C PRO A 196 18.07 7.59 17.51
N ALA A 197 19.07 8.05 16.75
CA ALA A 197 20.08 8.91 17.33
C ALA A 197 19.43 10.19 17.81
N PRO A 198 19.72 10.66 19.02
CA PRO A 198 19.05 11.87 19.53
C PRO A 198 19.25 13.04 18.58
N GLY A 199 18.14 13.73 18.30
CA GLY A 199 18.16 14.91 17.46
C GLY A 199 18.15 14.64 15.97
N LYS A 200 18.35 13.40 15.53
CA LYS A 200 18.51 13.16 14.10
C LYS A 200 17.20 13.39 13.36
N ARG A 201 16.08 12.91 13.92
CA ARG A 201 14.81 13.09 13.23
C ARG A 201 14.44 14.56 13.14
N PHE A 202 14.78 15.34 14.17
CA PHE A 202 14.51 16.77 14.09
C PHE A 202 15.29 17.40 12.94
N LEU A 203 16.54 17.00 12.76
CA LEU A 203 17.33 17.53 11.64
C LEU A 203 16.75 17.13 10.29
N LEU A 204 16.28 15.88 10.17
CA LEU A 204 15.67 15.47 8.91
C LEU A 204 14.49 16.37 8.57
N TYR A 205 13.75 16.77 9.57
CA TYR A 205 12.63 17.64 9.37
C TYR A 205 13.10 19.06 8.98
N LEU A 206 14.01 19.58 9.75
CA LEU A 206 14.51 20.93 9.50
C LEU A 206 15.12 21.07 8.12
N PHE A 207 15.75 20.02 7.66
CA PHE A 207 16.44 20.01 6.37
C PHE A 207 15.57 19.65 5.18
N GLY A 208 14.33 19.31 5.45
CA GLY A 208 13.37 18.97 4.42
C GLY A 208 13.56 17.59 3.81
N ILE A 209 14.26 16.74 4.52
CA ILE A 209 14.48 15.40 4.06
C ILE A 209 13.19 14.60 4.25
N THR A 210 12.46 14.89 5.30
CA THR A 210 11.21 14.27 5.53
C THR A 210 10.10 15.30 5.38
N LYS A 211 8.95 14.83 4.95
CA LYS A 211 7.77 15.65 4.84
C LYS A 211 7.04 15.48 6.12
N GLY A 212 7.22 16.42 7.01
CA GLY A 212 6.66 16.37 8.32
C GLY A 212 7.76 15.75 9.20
N TYR A 213 7.44 15.48 10.44
CA TYR A 213 8.41 14.92 11.36
C TYR A 213 8.25 13.40 11.43
N ARG A 214 9.35 12.69 11.39
CA ARG A 214 9.35 11.26 11.51
C ARG A 214 9.10 10.86 12.97
N SER A 215 7.92 10.34 13.25
CA SER A 215 7.58 9.87 14.57
C SER A 215 8.40 8.64 14.93
N LEU A 216 8.36 8.25 16.19
CA LEU A 216 9.06 7.07 16.61
C LEU A 216 8.43 5.88 15.89
N TYR A 217 7.14 5.91 15.70
CA TYR A 217 6.47 4.85 14.99
C TYR A 217 7.07 4.68 13.60
N ASP A 218 7.22 5.81 12.92
CA ASP A 218 7.76 5.80 11.60
C ASP A 218 9.21 5.30 11.59
N HIS A 219 9.95 5.70 12.60
CA HIS A 219 11.31 5.24 12.74
C HIS A 219 11.37 3.70 12.84
N TYR A 220 10.52 3.13 13.66
CA TYR A 220 10.50 1.69 13.85
C TYR A 220 9.96 0.96 12.64
N MET A 221 8.98 1.52 11.95
CA MET A 221 8.51 0.86 10.75
C MET A 221 9.60 0.87 9.67
N LEU A 222 10.36 1.96 9.60
CA LEU A 222 11.48 2.02 8.66
C LEU A 222 12.55 1.00 9.03
N GLU A 223 12.85 0.85 10.33
CA GLU A 223 13.79 -0.18 10.76
C GLU A 223 13.30 -1.58 10.41
N LEU A 224 12.01 -1.85 10.63
CA LEU A 224 11.48 -3.17 10.25
C LEU A 224 11.62 -3.38 8.75
N HIS A 225 11.16 -2.41 7.96
CA HIS A 225 11.29 -2.47 6.51
C HIS A 225 12.74 -2.75 6.09
N ASP A 226 13.65 -1.92 6.54
CA ASP A 226 15.03 -2.06 6.15
C ASP A 226 15.75 -3.30 6.69
N LYS A 227 15.65 -3.53 7.98
CA LYS A 227 16.34 -4.65 8.56
C LYS A 227 15.76 -5.94 8.05
N GLY A 228 14.48 -5.96 7.79
CA GLY A 228 13.85 -7.14 7.27
C GLY A 228 14.35 -7.49 5.90
N LYS A 229 14.54 -6.48 5.09
CA LYS A 229 15.03 -6.65 3.74
C LYS A 229 16.47 -7.15 3.72
N LEU A 230 17.26 -6.74 4.69
CA LEU A 230 18.65 -7.16 4.80
C LEU A 230 18.86 -8.52 5.47
N ASP A 231 17.84 -9.03 6.11
CA ASP A 231 17.90 -10.28 6.79
C ASP A 231 17.67 -11.37 5.75
N LEU A 232 18.75 -11.82 5.14
CA LEU A 232 18.67 -12.80 4.07
C LEU A 232 18.10 -14.14 4.48
N GLU A 233 18.46 -14.61 5.64
CA GLU A 233 17.83 -15.87 6.13
CA GLU A 233 17.84 -15.87 6.13
C GLU A 233 16.19 -15.85 6.33
N TYR A 234 15.83 -14.67 6.80
CA TYR A 234 14.43 -14.38 6.96
C TYR A 234 13.76 -14.30 5.60
N GLN A 235 14.35 -13.58 4.68
CA GLN A 235 13.79 -13.47 3.37
C GLN A 235 13.61 -14.80 2.68
N LYS A 236 14.56 -15.67 2.91
CA LYS A 236 14.53 -16.98 2.30
C LYS A 236 13.65 -17.99 2.98
N ASN A 237 13.70 -18.02 4.28
CA ASN A 237 13.03 -19.01 5.05
C ASN A 237 11.74 -18.72 5.79
N SER A 238 11.34 -17.47 5.91
CA SER A 238 10.13 -17.14 6.60
C SER A 238 8.94 -17.67 5.84
N PRO A 239 7.87 -17.91 6.67
CA PRO A 239 6.65 -18.42 6.01
C PRO A 239 6.11 -17.43 4.98
N GLN A 240 5.81 -17.89 3.80
CA GLN A 240 5.33 -17.01 2.72
C GLN A 240 4.63 -17.84 1.65
N VAL A 241 3.62 -17.24 1.03
CA VAL A 241 2.87 -17.86 -0.05
C VAL A 241 3.04 -17.03 -1.32
N ALA A 242 3.27 -17.70 -2.44
CA ALA A 242 3.37 -17.05 -3.74
C ALA A 242 2.01 -17.11 -4.42
N PHE A 243 1.52 -15.95 -4.89
CA PHE A 243 0.23 -15.88 -5.54
C PHE A 243 0.34 -14.99 -6.77
N ASP A 244 -0.27 -15.44 -7.87
CA ASP A 244 -0.31 -14.67 -9.11
C ASP A 244 -1.67 -13.98 -9.21
N PHE A 245 -1.68 -12.66 -9.15
CA PHE A 245 -2.91 -11.91 -9.38
C PHE A 245 -3.18 -11.83 -10.88
N PRO A 246 -4.28 -12.38 -11.38
CA PRO A 246 -4.53 -12.39 -12.83
C PRO A 246 -4.70 -10.99 -13.39
N ALA A 247 -4.41 -10.88 -14.68
CA ALA A 247 -4.83 -9.67 -15.40
C ALA A 247 -6.32 -9.52 -15.26
N GLY A 248 -6.77 -8.27 -15.07
CA GLY A 248 -8.18 -8.04 -14.87
C GLY A 248 -8.68 -8.23 -13.46
N SER A 249 -7.79 -8.36 -12.49
CA SER A 249 -8.17 -8.50 -11.09
C SER A 249 -7.76 -7.27 -10.29
N THR A 250 -8.32 -7.18 -9.09
CA THR A 250 -8.07 -6.09 -8.17
C THR A 250 -7.88 -6.70 -6.78
N TRP A 251 -7.04 -6.06 -5.96
CA TRP A 251 -6.86 -6.52 -4.59
C TRP A 251 -6.64 -5.33 -3.66
N ILE A 252 -6.94 -5.53 -2.37
CA ILE A 252 -6.96 -4.46 -1.37
C ILE A 252 -6.19 -4.95 -0.15
N VAL A 253 -5.27 -4.13 0.37
CA VAL A 253 -4.31 -4.57 1.38
C VAL A 253 -3.92 -3.38 2.25
N PHE A 254 -3.86 -3.58 3.58
CA PHE A 254 -3.10 -2.65 4.43
C PHE A 254 -1.62 -3.01 4.23
N THR A 255 -0.92 -2.25 3.38
CA THR A 255 0.45 -2.63 3.03
C THR A 255 1.46 -2.27 4.11
N ASP A 256 1.06 -1.53 5.16
CA ASP A 256 1.89 -1.35 6.34
C ASP A 256 1.79 -2.51 7.31
N GLN A 257 0.94 -3.49 7.03
CA GLN A 257 0.71 -4.61 7.95
C GLN A 257 0.93 -5.95 7.30
N VAL A 258 0.61 -6.08 6.01
CA VAL A 258 0.77 -7.32 5.28
C VAL A 258 2.16 -7.33 4.67
N LEU A 259 2.97 -8.32 5.06
CA LEU A 259 4.27 -8.50 4.44
C LEU A 259 4.08 -8.91 2.99
N HIS A 260 4.75 -8.21 2.08
CA HIS A 260 4.55 -8.48 0.66
C HIS A 260 5.83 -8.22 -0.12
N ALA A 261 5.88 -8.81 -1.31
CA ALA A 261 6.97 -8.63 -2.26
C ALA A 261 6.38 -8.86 -3.64
N VAL A 262 6.95 -8.22 -4.65
CA VAL A 262 6.52 -8.43 -6.03
C VAL A 262 7.67 -9.00 -6.83
N ASP A 263 7.40 -10.07 -7.58
CA ASP A 263 8.43 -10.79 -8.32
C ASP A 263 8.40 -10.56 -9.82
N LYS A 264 7.23 -10.39 -10.42
CA LYS A 264 7.17 -10.18 -11.86
C LYS A 264 5.81 -9.60 -12.23
N GLY A 265 5.79 -8.94 -13.37
CA GLY A 265 4.54 -8.41 -13.90
C GLY A 265 4.74 -7.04 -14.50
N GLN A 266 3.73 -6.56 -15.23
CA GLN A 266 3.84 -5.27 -15.89
C GLN A 266 2.45 -4.69 -16.08
N PHE A 267 2.31 -3.40 -15.78
CA PHE A 267 1.12 -2.59 -15.95
C PHE A 267 0.17 -2.74 -14.76
N LEU A 268 0.31 -1.82 -13.81
CA LEU A 268 -0.42 -1.85 -12.56
C LEU A 268 -0.93 -0.44 -12.28
N LEU A 269 -2.19 -0.33 -11.87
CA LEU A 269 -2.68 0.88 -11.22
C LEU A 269 -2.78 0.64 -9.73
N GLU A 270 -2.45 1.66 -8.95
CA GLU A 270 -2.48 1.55 -7.50
C GLU A 270 -3.00 2.86 -6.93
N GLN A 271 -3.78 2.76 -5.86
CA GLN A 271 -4.32 3.96 -5.20
C GLN A 271 -4.09 3.81 -3.71
N THR A 272 -3.46 4.82 -3.11
CA THR A 272 -3.24 4.84 -1.67
C THR A 272 -4.31 5.66 -0.99
N PHE A 273 -4.77 5.14 0.15
CA PHE A 273 -5.62 5.84 1.10
C PHE A 273 -4.93 5.82 2.47
N HIS A 274 -5.22 6.83 3.27
CA HIS A 274 -4.81 6.85 4.66
C HIS A 274 -6.02 6.77 5.57
N LEU A 275 -5.83 6.20 6.75
CA LEU A 275 -6.91 6.00 7.70
C LEU A 275 -6.31 6.13 9.10
N LYS A 276 -6.92 6.97 9.93
CA LYS A 276 -6.43 7.09 11.30
C LYS A 276 -6.72 5.81 12.07
N VAL A 277 -5.84 5.51 13.02
CA VAL A 277 -5.95 4.25 13.77
C VAL A 277 -7.25 4.20 14.55
N ASN A 278 -7.71 5.33 15.09
CA ASN A 278 -8.93 5.33 15.89
C ASN A 278 -10.18 5.08 15.06
N ALA A 279 -10.08 5.09 13.72
CA ALA A 279 -11.21 4.75 12.88
C ALA A 279 -11.34 3.25 12.64
N LEU A 280 -10.34 2.46 13.03
CA LEU A 280 -10.36 1.02 12.79
C LEU A 280 -11.39 0.34 13.69
N LYS A 281 -11.91 -0.78 13.21
CA LYS A 281 -12.81 -1.57 14.04
C LYS A 281 -12.07 -2.19 15.22
N HIS A 282 -10.80 -2.57 15.03
CA HIS A 282 -9.99 -3.23 16.06
C HIS A 282 -8.65 -2.53 16.09
N PRO A 283 -8.57 -1.32 16.66
CA PRO A 283 -7.31 -0.57 16.62
C PRO A 283 -6.13 -1.33 17.19
N GLU A 284 -6.37 -2.26 18.11
CA GLU A 284 -5.29 -3.03 18.73
C GLU A 284 -4.54 -3.91 17.74
N LYS A 285 -5.11 -4.19 16.57
CA LYS A 285 -4.42 -4.99 15.55
C LYS A 285 -3.53 -4.14 14.65
N SER A 286 -3.54 -2.82 14.79
CA SER A 286 -2.76 -1.98 13.90
C SER A 286 -1.28 -2.08 14.21
N PRO A 287 -0.41 -1.87 13.22
CA PRO A 287 1.03 -1.77 13.51
C PRO A 287 1.34 -0.75 14.60
N LEU A 288 0.68 0.41 14.63
CA LEU A 288 0.98 1.38 15.66
C LEU A 288 0.76 0.80 17.04
N LYS A 289 -0.41 0.19 17.26
CA LYS A 289 -0.71 -0.29 18.61
C LYS A 289 0.14 -1.50 18.96
N LEU A 290 0.42 -2.36 17.97
CA LEU A 290 1.29 -3.50 18.24
C LEU A 290 2.69 -3.04 18.64
N LEU A 291 3.22 -2.04 17.94
CA LEU A 291 4.53 -1.49 18.30
C LEU A 291 4.50 -0.78 19.65
N GLU A 292 3.44 0.00 19.93
CA GLU A 292 3.34 0.67 21.22
C GLU A 292 3.26 -0.32 22.37
N THR A 293 2.57 -1.44 22.16
CA THR A 293 2.51 -2.47 23.18
C THR A 293 3.86 -3.14 23.34
N ALA A 294 4.52 -3.47 22.22
CA ALA A 294 5.80 -4.19 22.29
C ALA A 294 6.89 -3.36 22.94
N LEU A 295 6.86 -2.04 22.77
CA LEU A 295 7.87 -1.15 23.31
C LEU A 295 7.37 -0.36 24.51
N ASN A 296 6.17 -0.63 24.95
CA ASN A 296 5.61 0.08 26.09
C ASN A 296 5.76 1.56 26.10
N LYS A 297 5.43 2.20 24.99
CA LYS A 297 5.46 3.63 24.93
C LYS A 297 4.66 4.22 23.80
N LYS A 298 4.33 5.48 23.97
CA LYS A 298 3.64 6.25 22.97
C LYS A 298 4.64 6.52 21.87
N LEU A 299 4.27 6.18 20.65
CA LEU A 299 5.16 6.34 19.52
C LEU A 299 4.89 7.44 18.53
N VAL A 300 3.83 8.19 18.76
CA VAL A 300 3.50 9.35 17.94
C VAL A 300 3.14 10.46 18.93
N SER A 301 3.86 11.55 18.91
CA SER A 301 3.65 12.61 19.87
C SER A 301 2.35 13.34 19.66
N SER A 302 1.89 13.37 18.44
CA SER A 302 0.69 14.09 18.14
C SER A 302 -0.58 13.32 18.48
N GLU A 303 -0.43 12.14 19.00
CA GLU A 303 -1.59 11.31 19.33
C GLU A 303 -2.67 11.95 20.15
N SER A 304 -3.90 11.71 19.79
CA SER A 304 -5.00 12.22 20.56
C SER A 304 -4.97 11.52 21.92
N PHE A 305 -5.53 12.15 22.94
CA PHE A 305 -5.47 11.68 24.32
C PHE A 305 -6.87 11.31 24.77
N LYS A 306 -7.05 10.06 25.19
CA LYS A 306 -8.34 9.55 25.63
C LYS A 306 -8.40 9.58 27.16
N LEU A 307 -9.35 10.34 27.70
CA LEU A 307 -9.51 10.46 29.14
C LEU A 307 -10.38 9.34 29.70
O2 PG4 B . -2.54 -21.59 2.83
C3 PG4 B . -1.71 -22.48 3.51
C4 PG4 B . -0.25 -22.30 3.32
O3 PG4 B . 0.61 -22.58 4.36
C5 PG4 B . 1.93 -22.20 4.23
C6 PG4 B . 2.40 -21.14 5.17
O4 PG4 B . 2.63 -19.88 4.65
C7 PG4 B . 1.89 -18.82 5.14
C8 PG4 B . 2.33 -17.44 4.81
O5 PG4 B . 1.35 -16.46 4.75
O2 PG4 C . 7.33 24.59 13.36
C3 PG4 C . 8.69 24.82 13.20
C4 PG4 C . 9.62 24.18 14.17
O3 PG4 C . 10.81 24.82 14.44
C5 PG4 C . 11.29 24.83 15.74
C6 PG4 C . 12.68 25.29 15.97
O4 PG4 C . 13.07 25.51 17.27
O1 PG4 D . 1.70 6.63 -2.18
C1 PG4 D . 1.69 7.37 -1.02
C2 PG4 D . 0.68 8.48 -0.91
O2 PG4 D . 1.14 9.75 -0.60
C3 PG4 D . 0.86 10.29 0.64
C4 PG4 D . 0.63 11.75 0.73
O3 PG4 D . -0.19 12.20 1.74
O1 PG4 E . 3.96 14.98 10.81
C1 PG4 E . 3.79 16.20 11.45
C2 PG4 E . 4.99 17.06 11.61
O2 PG4 E . 4.82 18.40 11.91
C3 PG4 E . 5.92 19.22 11.95
C4 PG4 E . 6.36 19.69 13.30
O3 PG4 E . 7.57 19.20 13.75
C5 PG4 E . 7.89 19.27 15.08
C6 PG4 E . 8.05 17.98 15.81
O4 PG4 E . 9.15 17.81 16.62
O1 PG4 F . 22.58 -13.14 14.14
C1 PG4 F . 21.27 -12.71 14.18
C2 PG4 F . 20.60 -12.41 12.88
O2 PG4 F . 20.84 -11.16 12.32
C3 PG4 F . 20.64 -10.99 10.97
C4 PG4 F . 21.23 -9.76 10.33
O3 PG4 F . 21.35 -9.74 8.96
FE FE G . 5.23 -2.30 -0.69
C1 GOL H . -1.05 -12.97 5.91
O1 GOL H . -1.79 -13.89 6.70
C2 GOL H . -0.22 -12.03 6.80
O2 GOL H . -1.04 -11.27 7.66
C3 GOL H . 0.56 -11.09 5.88
O3 GOL H . 1.57 -10.42 6.58
C1 SIN I . 4.81 -2.74 -3.52
O1 SIN I . 5.52 -3.24 -2.61
O2 SIN I . 4.03 -1.79 -3.28
C2 SIN I . 4.92 -3.30 -4.89
C3 SIN I . 3.69 -3.93 -5.43
C4 SIN I . 3.63 -4.17 -6.90
O3 SIN I . 2.86 -5.05 -7.38
O4 SIN I . 4.34 -3.47 -7.67
C ACT J . 5.93 1.75 -3.60
O ACT J . 5.68 1.04 -2.59
OXT ACT J . 5.48 2.91 -3.58
CH3 ACT J . 6.74 1.23 -4.74
C ACT K . -2.32 8.57 15.78
O ACT K . -3.00 8.13 16.74
OXT ACT K . -2.12 7.77 14.85
CH3 ACT K . -1.77 9.97 15.75
C ACT L . 17.21 8.41 7.22
O ACT L . 17.12 7.44 8.00
OXT ACT L . 16.27 8.56 6.40
CH3 ACT L . 18.39 9.35 7.25
C ACT M . -8.54 10.86 16.40
O ACT M . -9.12 9.94 17.00
OXT ACT M . -9.26 11.79 15.99
CH3 ACT M . -7.07 10.84 16.14
#